data_6ZJD
#
_entry.id   6ZJD
#
_cell.length_a   42.524
_cell.length_b   62.518
_cell.length_c   49.804
_cell.angle_alpha   90.000
_cell.angle_beta   108.200
_cell.angle_gamma   90.000
#
_symmetry.space_group_name_H-M   'P 1 21 1'
#
loop_
_entity.id
_entity.type
_entity.pdbx_description
1 polymer 'GTP:AMP phosphotransferase AK3, mitochondrial'
2 non-polymer "ADENOSINE-5'-TRIPHOSPHATE"
3 non-polymer 'MAGNESIUM ION'
4 non-polymer 'SODIUM ION'
5 non-polymer 'CHLORIDE ION'
6 water water
#
_entity_poly.entity_id   1
_entity_poly.type   'polypeptide(L)'
_entity_poly.pdbx_seq_one_letter_code
;MGASARLLRAVIMGAPGSGKGTVSSRITTHFELKHLSSGDLLRDNMLRGTEIGVLAKAFIDQGKLIPDDVMTRLALHELK
NLTQYSWLLDGFPRTLPQAEALDRAYQIDTVINLNVPFEVIKQRLTARWIHPASGRVYNIEFNPPKTVGIDDLTGEPLIQ
REDDKPETVIKRLKAYEDQTKPVLEYYQKKGVLETFSGTETNKIWPYVYAFLQTKVPQRSQKASVTP
;
_entity_poly.pdbx_strand_id   A
#
loop_
_chem_comp.id
_chem_comp.type
_chem_comp.name
_chem_comp.formula
ATP non-polymer ADENOSINE-5'-TRIPHOSPHATE 'C10 H16 N5 O13 P3'
CL non-polymer 'CHLORIDE ION' 'Cl -1'
MG non-polymer 'MAGNESIUM ION' 'Mg 2'
NA non-polymer 'SODIUM ION' 'Na 1'
#
# COMPACT_ATOMS: atom_id res chain seq x y z
N ARG A 6 3.82 -1.16 26.32
CA ARG A 6 2.80 -1.69 25.41
C ARG A 6 3.36 -1.76 24.00
N LEU A 7 3.44 -2.97 23.46
CA LEU A 7 3.90 -3.15 22.10
C LEU A 7 2.93 -2.49 21.14
N LEU A 8 3.45 -1.98 20.04
CA LEU A 8 2.63 -1.33 19.03
C LEU A 8 1.77 -2.36 18.31
N ARG A 9 0.49 -2.05 18.17
CA ARG A 9 -0.46 -2.82 17.40
C ARG A 9 -1.06 -1.87 16.38
N ALA A 10 -0.38 -1.70 15.25
CA ALA A 10 -0.70 -0.62 14.34
C ALA A 10 -1.01 -1.15 12.94
N VAL A 11 -1.85 -0.39 12.24
CA VAL A 11 -2.15 -0.54 10.82
C VAL A 11 -1.81 0.77 10.12
N ILE A 12 -1.24 0.69 8.91
CA ILE A 12 -1.09 1.87 8.06
C ILE A 12 -1.91 1.68 6.80
N MET A 13 -2.59 2.74 6.40
CA MET A 13 -3.48 2.75 5.24
C MET A 13 -3.13 3.93 4.35
N GLY A 14 -3.46 3.79 3.05
CA GLY A 14 -3.15 4.80 2.06
C GLY A 14 -3.40 4.23 0.68
N ALA A 15 -3.93 5.06 -0.20
CA ALA A 15 -4.19 4.67 -1.56
C ALA A 15 -2.90 4.34 -2.29
N PRO A 16 -2.97 3.53 -3.35
CA PRO A 16 -1.84 3.44 -4.26
C PRO A 16 -1.40 4.83 -4.69
N GLY A 17 -0.08 5.05 -4.73
CA GLY A 17 0.46 6.35 -5.10
C GLY A 17 0.45 7.40 -4.01
N SER A 18 -0.08 7.08 -2.82
CA SER A 18 -0.16 8.04 -1.72
C SER A 18 1.17 8.27 -1.03
N GLY A 19 2.16 7.42 -1.27
CA GLY A 19 3.41 7.47 -0.56
C GLY A 19 3.48 6.52 0.60
N LYS A 20 2.45 5.70 0.79
CA LYS A 20 2.41 4.74 1.89
C LYS A 20 3.59 3.79 1.84
N GLY A 21 4.00 3.36 0.65
CA GLY A 21 5.14 2.49 0.56
C GLY A 21 6.40 3.12 1.13
N THR A 22 6.64 4.37 0.75
CA THR A 22 7.80 5.09 1.29
C THR A 22 7.67 5.29 2.78
N VAL A 23 6.50 5.75 3.27
CA VAL A 23 6.32 5.96 4.70
C VAL A 23 6.51 4.66 5.49
N SER A 24 5.95 3.55 5.02
CA SER A 24 6.13 2.28 5.72
C SER A 24 7.61 1.88 5.77
N SER A 25 8.31 2.09 4.66
CA SER A 25 9.74 1.77 4.61
C SER A 25 10.50 2.59 5.64
N ARG A 26 10.18 3.88 5.73
CA ARG A 26 10.84 4.73 6.70
C ARG A 26 10.46 4.36 8.13
N ILE A 27 9.20 3.99 8.36
CA ILE A 27 8.80 3.56 9.68
C ILE A 27 9.65 2.39 10.11
N THR A 28 9.82 1.43 9.21
CA THR A 28 10.55 0.21 9.55
C THR A 28 12.04 0.48 9.79
N THR A 29 12.64 1.41 9.05
CA THR A 29 14.05 1.72 9.28
C THR A 29 14.26 2.51 10.56
N HIS A 30 13.31 3.37 10.96
CA HIS A 30 13.50 4.22 12.13
C HIS A 30 13.02 3.59 13.45
N PHE A 31 12.11 2.60 13.43
CA PHE A 31 11.47 2.10 14.64
C PHE A 31 11.66 0.60 14.79
N GLU A 32 11.72 0.15 16.04
CA GLU A 32 11.92 -1.26 16.34
C GLU A 32 10.55 -1.93 16.27
N LEU A 33 10.20 -2.37 15.08
CA LEU A 33 8.94 -3.09 14.88
C LEU A 33 9.08 -4.02 13.68
N LYS A 34 8.10 -4.90 13.55
CA LYS A 34 7.96 -5.79 12.41
C LYS A 34 6.98 -5.19 11.41
N HIS A 35 7.46 -4.96 10.19
CA HIS A 35 6.61 -4.56 9.07
C HIS A 35 5.95 -5.80 8.47
N LEU A 36 4.62 -5.87 8.53
CA LEU A 36 3.87 -7.02 8.06
C LEU A 36 3.05 -6.55 6.86
N SER A 37 3.62 -6.77 5.67
CA SER A 37 3.04 -6.36 4.42
C SER A 37 2.27 -7.54 3.84
N SER A 38 0.99 -7.34 3.54
CA SER A 38 0.20 -8.46 3.04
C SER A 38 0.74 -8.91 1.69
N GLY A 39 1.20 -7.96 0.88
CA GLY A 39 1.77 -8.32 -0.40
C GLY A 39 3.06 -9.13 -0.25
N ASP A 40 3.94 -8.72 0.67
CA ASP A 40 5.17 -9.48 0.92
C ASP A 40 4.84 -10.89 1.40
N LEU A 41 3.86 -11.00 2.31
CA LEU A 41 3.50 -12.29 2.86
C LEU A 41 2.97 -13.21 1.79
N LEU A 42 2.08 -12.68 0.95
CA LEU A 42 1.56 -13.41 -0.19
C LEU A 42 2.69 -13.84 -1.09
N ARG A 43 3.61 -12.91 -1.42
CA ARG A 43 4.71 -13.25 -2.32
C ARG A 43 5.64 -14.30 -1.71
N ASP A 44 5.89 -14.27 -0.39
CA ASP A 44 6.73 -15.28 0.20
C ASP A 44 6.10 -16.66 0.05
N ASN A 45 4.80 -16.73 0.30
CA ASN A 45 4.08 -17.98 0.16
C ASN A 45 4.02 -18.46 -1.28
N MET A 46 3.81 -17.54 -2.23
CA MET A 46 3.81 -17.93 -3.65
C MET A 46 5.18 -18.43 -4.08
N LEU A 47 6.24 -17.76 -3.64
CA LEU A 47 7.59 -18.18 -3.98
C LEU A 47 7.89 -19.58 -3.49
N ARG A 48 7.53 -19.86 -2.23
CA ARG A 48 7.76 -21.15 -1.63
C ARG A 48 6.75 -22.20 -2.07
N GLY A 49 5.69 -21.82 -2.77
CA GLY A 49 4.71 -22.80 -3.21
C GLY A 49 3.96 -23.47 -2.09
N THR A 50 3.73 -22.76 -0.98
CA THR A 50 2.92 -23.32 0.08
C THR A 50 1.49 -23.54 -0.42
N GLU A 51 0.70 -24.23 0.39
CA GLU A 51 -0.69 -24.47 0.00
C GLU A 51 -1.42 -23.15 -0.25
N ILE A 52 -1.30 -22.22 0.68
CA ILE A 52 -1.96 -20.94 0.51
C ILE A 52 -1.30 -20.13 -0.60
N GLY A 53 0.01 -20.30 -0.81
CA GLY A 53 0.69 -19.62 -1.89
C GLY A 53 0.16 -20.02 -3.25
N VAL A 54 -0.07 -21.32 -3.46
CA VAL A 54 -0.57 -21.76 -4.76
C VAL A 54 -2.00 -21.25 -4.96
N LEU A 55 -2.80 -21.23 -3.90
CA LEU A 55 -4.15 -20.71 -4.01
C LEU A 55 -4.13 -19.20 -4.28
N ALA A 56 -3.26 -18.47 -3.58
CA ALA A 56 -3.15 -17.04 -3.82
C ALA A 56 -2.71 -16.77 -5.24
N LYS A 57 -1.76 -17.54 -5.74
CA LYS A 57 -1.29 -17.36 -7.10
C LYS A 57 -2.44 -17.54 -8.09
N ALA A 58 -3.34 -18.48 -7.82
CA ALA A 58 -4.45 -18.71 -8.74
C ALA A 58 -5.27 -17.45 -8.90
N PHE A 59 -5.49 -16.71 -7.81
CA PHE A 59 -6.22 -15.45 -7.89
C PHE A 59 -5.37 -14.35 -8.52
N ILE A 60 -4.16 -14.15 -7.99
CA ILE A 60 -3.33 -13.05 -8.45
C ILE A 60 -2.99 -13.19 -9.94
N ASP A 61 -2.72 -14.40 -10.42
CA ASP A 61 -2.42 -14.55 -11.85
C ASP A 61 -3.61 -14.15 -12.71
N GLN A 62 -4.81 -14.14 -12.16
CA GLN A 62 -6.00 -13.70 -12.88
C GLN A 62 -6.42 -12.28 -12.53
N GLY A 63 -5.62 -11.57 -11.73
CA GLY A 63 -6.00 -10.22 -11.38
C GLY A 63 -7.13 -10.12 -10.37
N LYS A 64 -7.35 -11.17 -9.58
CA LYS A 64 -8.44 -11.22 -8.62
C LYS A 64 -7.93 -10.96 -7.21
N LEU A 65 -8.77 -10.35 -6.38
CA LEU A 65 -8.44 -10.20 -4.98
C LEU A 65 -8.36 -11.56 -4.32
N ILE A 66 -7.50 -11.69 -3.32
CA ILE A 66 -7.56 -12.87 -2.47
C ILE A 66 -8.89 -12.81 -1.72
N PRO A 67 -9.67 -13.89 -1.67
CA PRO A 67 -10.89 -13.84 -0.87
C PRO A 67 -10.59 -13.48 0.57
N ASP A 68 -11.52 -12.75 1.18
CA ASP A 68 -11.37 -12.31 2.56
C ASP A 68 -10.99 -13.46 3.51
N ASP A 69 -11.72 -14.58 3.45
CA ASP A 69 -11.44 -15.66 4.39
C ASP A 69 -10.03 -16.20 4.20
N VAL A 70 -9.59 -16.36 2.95
CA VAL A 70 -8.22 -16.80 2.65
C VAL A 70 -7.21 -15.81 3.20
N MET A 71 -7.40 -14.51 2.91
CA MET A 71 -6.43 -13.50 3.31
C MET A 71 -6.35 -13.39 4.83
N THR A 72 -7.50 -13.38 5.51
CA THR A 72 -7.50 -13.31 6.96
C THR A 72 -6.83 -14.53 7.58
N ARG A 73 -7.09 -15.72 7.03
N ARG A 73 -7.06 -15.72 7.02
CA ARG A 73 -6.43 -16.92 7.54
CA ARG A 73 -6.42 -16.90 7.58
C ARG A 73 -4.91 -16.78 7.46
C ARG A 73 -4.91 -16.80 7.45
N LEU A 74 -4.43 -16.32 6.29
CA LEU A 74 -3.00 -16.15 6.09
C LEU A 74 -2.43 -15.12 7.05
N ALA A 75 -3.06 -13.95 7.13
CA ALA A 75 -2.54 -12.89 7.97
C ALA A 75 -2.53 -13.29 9.44
N LEU A 76 -3.61 -13.91 9.92
CA LEU A 76 -3.65 -14.28 11.34
C LEU A 76 -2.60 -15.33 11.66
N HIS A 77 -2.31 -16.20 10.72
CA HIS A 77 -1.30 -17.22 10.99
C HIS A 77 0.08 -16.58 11.13
N GLU A 78 0.40 -15.59 10.30
CA GLU A 78 1.67 -14.88 10.48
C GLU A 78 1.69 -14.15 11.81
N LEU A 79 0.59 -13.46 12.16
CA LEU A 79 0.61 -12.67 13.40
C LEU A 79 0.78 -13.54 14.64
N LYS A 80 0.31 -14.80 14.58
CA LYS A 80 0.12 -15.64 15.77
C LYS A 80 1.42 -15.89 16.51
N ASN A 81 2.54 -15.88 15.80
N ASN A 81 2.55 -15.89 15.81
CA ASN A 81 3.87 -16.12 16.38
CA ASN A 81 3.86 -16.08 16.43
C ASN A 81 4.69 -14.84 16.46
C ASN A 81 4.72 -14.86 16.17
N LEU A 82 4.08 -13.68 16.21
CA LEU A 82 4.78 -12.40 16.24
C LEU A 82 4.30 -11.51 17.38
N THR A 83 3.56 -12.06 18.35
CA THR A 83 2.97 -11.19 19.37
C THR A 83 3.99 -10.71 20.38
N GLN A 84 5.23 -11.22 20.35
CA GLN A 84 6.25 -10.65 21.22
C GLN A 84 6.83 -9.36 20.66
N TYR A 85 6.45 -9.01 19.44
CA TYR A 85 6.97 -7.84 18.76
C TYR A 85 5.94 -6.77 18.48
N SER A 86 6.42 -5.54 18.28
CA SER A 86 5.56 -4.44 17.89
C SER A 86 5.23 -4.70 16.43
N TRP A 87 4.02 -4.36 15.98
CA TRP A 87 3.62 -4.62 14.60
C TRP A 87 3.15 -3.45 13.79
N LEU A 88 3.46 -3.47 12.51
CA LEU A 88 2.95 -2.48 11.59
C LEU A 88 2.30 -3.24 10.43
N LEU A 89 0.98 -3.40 10.48
CA LEU A 89 0.25 -4.05 9.40
C LEU A 89 0.09 -3.09 8.24
N ASP A 90 0.46 -3.57 7.06
CA ASP A 90 0.39 -2.81 5.82
C ASP A 90 -0.25 -3.69 4.74
N GLY A 91 -1.41 -3.27 4.25
CA GLY A 91 -2.10 -4.02 3.21
C GLY A 91 -3.20 -4.90 3.75
N PHE A 92 -3.18 -5.15 5.04
CA PHE A 92 -4.23 -5.90 5.71
C PHE A 92 -4.59 -5.08 6.93
N PRO A 93 -5.87 -4.84 7.19
CA PRO A 93 -7.06 -5.27 6.44
C PRO A 93 -7.28 -4.37 5.27
N ARG A 94 -7.71 -4.96 4.17
CA ARG A 94 -8.02 -4.24 2.94
C ARG A 94 -9.50 -3.97 2.81
N THR A 95 -10.31 -4.77 3.50
CA THR A 95 -11.75 -4.73 3.36
C THR A 95 -12.36 -4.77 4.75
N LEU A 96 -13.65 -4.41 4.81
CA LEU A 96 -14.33 -4.37 6.09
C LEU A 96 -14.42 -5.75 6.72
N PRO A 97 -14.73 -6.82 5.98
CA PRO A 97 -14.72 -8.15 6.63
C PRO A 97 -13.37 -8.53 7.17
N GLN A 98 -12.30 -8.12 6.50
CA GLN A 98 -10.96 -8.35 7.05
C GLN A 98 -10.75 -7.58 8.35
N ALA A 99 -11.20 -6.32 8.40
CA ALA A 99 -11.00 -5.53 9.60
C ALA A 99 -11.82 -6.07 10.77
N GLU A 100 -13.03 -6.53 10.51
CA GLU A 100 -13.85 -7.05 11.59
C GLU A 100 -13.30 -8.39 12.10
N ALA A 101 -12.79 -9.22 11.19
CA ALA A 101 -12.13 -10.45 11.61
C ALA A 101 -10.87 -10.16 12.42
N LEU A 102 -10.05 -9.20 11.97
CA LEU A 102 -8.91 -8.80 12.76
C LEU A 102 -9.31 -8.34 14.15
N ASP A 103 -10.42 -7.59 14.25
CA ASP A 103 -10.88 -7.06 15.53
C ASP A 103 -11.26 -8.16 16.51
N ARG A 104 -11.68 -9.31 16.00
CA ARG A 104 -11.98 -10.47 16.84
C ARG A 104 -10.73 -11.24 17.23
N ALA A 105 -9.56 -10.90 16.69
CA ALA A 105 -8.33 -11.58 17.05
C ALA A 105 -7.36 -10.76 17.87
N TYR A 106 -7.20 -9.47 17.56
CA TYR A 106 -6.25 -8.59 18.20
C TYR A 106 -6.86 -7.20 18.40
N GLN A 107 -6.46 -6.55 19.49
N GLN A 107 -6.48 -6.58 19.51
CA GLN A 107 -6.87 -5.18 19.76
CA GLN A 107 -6.81 -5.19 19.77
C GLN A 107 -5.89 -4.26 19.02
C GLN A 107 -5.86 -4.33 18.96
N ILE A 108 -6.39 -3.56 18.00
CA ILE A 108 -5.61 -2.66 17.19
C ILE A 108 -5.72 -1.28 17.81
N ASP A 109 -4.60 -0.69 18.21
CA ASP A 109 -4.64 0.55 18.96
C ASP A 109 -4.36 1.79 18.11
N THR A 110 -3.76 1.61 16.92
CA THR A 110 -3.28 2.75 16.11
C THR A 110 -3.53 2.44 14.65
N VAL A 111 -4.24 3.33 13.96
CA VAL A 111 -4.40 3.21 12.51
C VAL A 111 -3.99 4.54 11.93
N ILE A 112 -2.98 4.53 11.08
CA ILE A 112 -2.46 5.70 10.39
C ILE A 112 -3.07 5.72 8.99
N ASN A 113 -3.60 6.85 8.58
CA ASN A 113 -4.06 7.01 7.20
C ASN A 113 -3.37 8.20 6.57
N LEU A 114 -2.92 8.00 5.33
CA LEU A 114 -2.31 9.05 4.53
C LEU A 114 -3.39 9.55 3.60
N ASN A 115 -3.78 10.80 3.79
CA ASN A 115 -4.87 11.42 3.05
C ASN A 115 -4.25 12.34 2.02
N VAL A 116 -4.08 11.83 0.80
CA VAL A 116 -3.44 12.54 -0.30
C VAL A 116 -4.51 12.75 -1.36
N PRO A 117 -4.62 13.93 -1.96
CA PRO A 117 -5.72 14.17 -2.89
C PRO A 117 -5.68 13.24 -4.09
N PHE A 118 -6.89 12.82 -4.49
CA PHE A 118 -7.10 12.00 -5.68
C PHE A 118 -6.30 12.50 -6.87
N GLU A 119 -6.40 13.80 -7.18
CA GLU A 119 -5.74 14.30 -8.39
C GLU A 119 -4.24 14.11 -8.29
N VAL A 120 -3.68 14.28 -7.08
CA VAL A 120 -2.26 14.10 -6.88
C VAL A 120 -1.86 12.65 -7.11
N ILE A 121 -2.62 11.72 -6.53
N ILE A 121 -2.64 11.70 -6.60
CA ILE A 121 -2.36 10.31 -6.73
CA ILE A 121 -2.22 10.30 -6.79
C ILE A 121 -2.47 9.96 -8.20
C ILE A 121 -2.56 9.82 -8.19
N LYS A 122 -3.56 10.40 -8.83
CA LYS A 122 -3.81 10.02 -10.22
C LYS A 122 -2.66 10.47 -11.10
N GLN A 123 -2.20 11.71 -10.92
CA GLN A 123 -1.06 12.20 -11.69
C GLN A 123 0.19 11.37 -11.44
N ARG A 124 0.42 10.98 -10.18
CA ARG A 124 1.58 10.14 -9.90
C ARG A 124 1.48 8.82 -10.63
N LEU A 125 0.32 8.17 -10.59
CA LEU A 125 0.17 6.83 -11.12
C LEU A 125 0.05 6.82 -12.64
N THR A 126 -0.15 7.96 -13.27
CA THR A 126 -0.27 8.00 -14.73
C THR A 126 0.92 8.67 -15.39
N ALA A 127 2.03 8.83 -14.66
CA ALA A 127 3.11 9.65 -15.16
C ALA A 127 4.08 8.92 -16.07
N ARG A 128 4.07 7.59 -16.10
CA ARG A 128 5.11 6.82 -16.78
C ARG A 128 4.76 6.60 -18.24
N TRP A 129 5.71 6.93 -19.12
CA TRP A 129 5.62 6.67 -20.55
C TRP A 129 6.89 5.93 -20.97
N ILE A 130 6.73 5.08 -21.98
N ILE A 130 6.76 5.09 -21.98
CA ILE A 130 7.81 4.18 -22.41
CA ILE A 130 7.86 4.23 -22.38
C ILE A 130 8.03 4.35 -23.91
C ILE A 130 8.03 4.29 -23.89
N HIS A 131 9.29 4.17 -24.33
CA HIS A 131 9.64 4.01 -25.74
C HIS A 131 9.82 2.53 -25.94
N PRO A 132 8.88 1.84 -26.57
CA PRO A 132 8.89 0.37 -26.46
C PRO A 132 10.15 -0.30 -26.98
N ALA A 133 10.69 0.12 -28.12
CA ALA A 133 11.79 -0.64 -28.72
C ALA A 133 13.04 -0.60 -27.85
N SER A 134 13.35 0.55 -27.26
CA SER A 134 14.54 0.68 -26.45
C SER A 134 14.30 0.35 -25.00
N GLY A 135 13.05 0.40 -24.55
CA GLY A 135 12.75 0.30 -23.14
C GLY A 135 12.97 1.58 -22.35
N ARG A 136 13.38 2.67 -22.99
CA ARG A 136 13.58 3.92 -22.26
C ARG A 136 12.29 4.36 -21.57
N VAL A 137 12.47 4.88 -20.36
CA VAL A 137 11.40 5.27 -19.45
C VAL A 137 11.42 6.78 -19.32
N TYR A 138 10.23 7.37 -19.33
CA TYR A 138 10.02 8.79 -19.12
C TYR A 138 8.95 8.97 -18.06
N ASN A 139 9.13 9.95 -17.19
CA ASN A 139 8.14 10.27 -16.17
C ASN A 139 7.80 11.74 -16.33
N ILE A 140 6.55 12.03 -16.63
CA ILE A 140 6.09 13.38 -16.95
C ILE A 140 6.55 14.36 -15.89
N GLU A 141 6.66 13.91 -14.63
CA GLU A 141 7.02 14.77 -13.51
C GLU A 141 8.52 14.82 -13.26
N PHE A 142 9.22 13.68 -13.30
CA PHE A 142 10.61 13.59 -12.87
C PHE A 142 11.64 13.50 -14.00
N ASN A 143 11.30 12.97 -15.18
N ASN A 143 11.22 13.09 -15.19
CA ASN A 143 12.21 13.00 -16.33
CA ASN A 143 12.10 12.83 -16.31
C ASN A 143 11.38 12.99 -17.59
C ASN A 143 11.32 12.96 -17.60
N PRO A 144 10.79 14.14 -17.92
CA PRO A 144 9.97 14.23 -19.11
C PRO A 144 10.83 14.18 -20.36
N PRO A 145 10.26 13.78 -21.48
CA PRO A 145 10.97 13.85 -22.75
C PRO A 145 11.18 15.30 -23.15
N LYS A 146 12.14 15.51 -24.06
CA LYS A 146 12.42 16.86 -24.56
C LYS A 146 11.23 17.41 -25.33
N THR A 147 10.54 16.55 -26.07
CA THR A 147 9.31 16.85 -26.76
C THR A 147 8.20 15.96 -26.25
N VAL A 148 7.05 16.56 -25.91
CA VAL A 148 5.96 15.79 -25.34
C VAL A 148 5.65 14.60 -26.22
N GLY A 149 5.59 13.42 -25.60
CA GLY A 149 5.09 12.22 -26.25
C GLY A 149 6.03 11.54 -27.21
N ILE A 150 7.29 11.95 -27.24
CA ILE A 150 8.29 11.57 -28.25
C ILE A 150 9.57 11.13 -27.56
N ASP A 151 10.19 10.06 -28.09
CA ASP A 151 11.46 9.55 -27.55
C ASP A 151 12.61 10.48 -27.92
N ASP A 152 13.48 10.79 -26.94
CA ASP A 152 14.56 11.74 -27.17
C ASP A 152 15.54 11.27 -28.23
N LEU A 153 15.82 9.96 -28.30
CA LEU A 153 16.88 9.50 -29.18
C LEU A 153 16.41 9.22 -30.60
N THR A 154 15.16 8.82 -30.77
CA THR A 154 14.67 8.34 -32.05
C THR A 154 13.62 9.21 -32.67
N GLY A 155 12.99 10.08 -31.89
CA GLY A 155 11.82 10.80 -32.36
C GLY A 155 10.55 10.01 -32.46
N GLU A 156 10.55 8.76 -32.05
CA GLU A 156 9.39 7.89 -32.18
C GLU A 156 8.42 8.09 -31.02
N PRO A 157 7.17 7.69 -31.21
CA PRO A 157 6.14 7.90 -30.18
C PRO A 157 6.45 7.12 -28.91
N LEU A 158 6.09 7.72 -27.80
CA LEU A 158 5.99 7.03 -26.52
C LEU A 158 4.59 6.46 -26.35
N ILE A 159 4.50 5.39 -25.58
CA ILE A 159 3.19 4.81 -25.23
C ILE A 159 3.12 4.68 -23.72
N GLN A 160 1.91 4.43 -23.23
CA GLN A 160 1.72 4.03 -21.84
C GLN A 160 1.38 2.54 -21.75
N ARG A 161 2.02 1.86 -20.81
CA ARG A 161 1.61 0.51 -20.48
C ARG A 161 0.21 0.53 -19.86
N GLU A 162 -0.52 -0.58 -19.99
CA GLU A 162 -1.93 -0.55 -19.61
C GLU A 162 -2.12 -0.16 -18.15
N ASP A 163 -1.25 -0.62 -17.27
CA ASP A 163 -1.39 -0.30 -15.84
C ASP A 163 -1.26 1.18 -15.55
N ASP A 164 -0.62 1.94 -16.43
CA ASP A 164 -0.31 3.34 -16.21
C ASP A 164 -1.31 4.27 -16.88
N LYS A 165 -2.25 3.72 -17.68
CA LYS A 165 -3.20 4.56 -18.37
C LYS A 165 -4.27 5.09 -17.42
N PRO A 166 -4.78 6.31 -17.68
CA PRO A 166 -5.74 6.93 -16.77
C PRO A 166 -7.00 6.11 -16.53
N GLU A 167 -7.55 5.50 -17.57
CA GLU A 167 -8.72 4.61 -17.43
C GLU A 167 -8.46 3.53 -16.38
N THR A 168 -7.30 2.87 -16.46
CA THR A 168 -6.98 1.80 -15.53
C THR A 168 -6.77 2.34 -14.13
N VAL A 169 -6.05 3.45 -14.03
CA VAL A 169 -5.76 4.05 -12.74
C VAL A 169 -7.05 4.53 -12.06
N ILE A 170 -7.95 5.13 -12.82
CA ILE A 170 -9.21 5.60 -12.23
C ILE A 170 -9.99 4.44 -11.65
N LYS A 171 -10.08 3.33 -12.38
CA LYS A 171 -10.77 2.15 -11.89
C LYS A 171 -10.09 1.61 -10.65
N ARG A 172 -8.75 1.64 -10.62
CA ARG A 172 -8.02 1.13 -9.48
C ARG A 172 -8.27 1.98 -8.24
N LEU A 173 -8.28 3.30 -8.40
CA LEU A 173 -8.51 4.16 -7.25
C LEU A 173 -9.97 4.08 -6.79
N LYS A 174 -10.90 3.90 -7.72
CA LYS A 174 -12.30 3.75 -7.34
C LYS A 174 -12.50 2.47 -6.52
N ALA A 175 -11.86 1.39 -6.94
CA ALA A 175 -11.89 0.14 -6.20
C ALA A 175 -11.29 0.29 -4.82
N TYR A 176 -10.10 0.90 -4.75
CA TYR A 176 -9.48 1.13 -3.46
C TYR A 176 -10.42 1.90 -2.56
N GLU A 177 -11.08 2.93 -3.10
CA GLU A 177 -11.98 3.76 -2.28
C GLU A 177 -13.16 2.94 -1.81
N ASP A 178 -13.80 2.19 -2.73
CA ASP A 178 -14.94 1.36 -2.37
C ASP A 178 -14.59 0.38 -1.26
N GLN A 179 -13.41 -0.22 -1.34
CA GLN A 179 -13.02 -1.26 -0.39
C GLN A 179 -12.59 -0.68 0.94
N THR A 180 -11.86 0.44 0.92
N THR A 180 -11.85 0.43 0.91
CA THR A 180 -11.19 0.88 2.13
CA THR A 180 -11.16 0.91 2.12
C THR A 180 -11.89 2.03 2.86
C THR A 180 -11.89 2.01 2.85
N LYS A 181 -12.70 2.83 2.18
CA LYS A 181 -13.43 3.87 2.90
C LYS A 181 -14.23 3.28 4.06
N PRO A 182 -14.90 2.13 3.90
CA PRO A 182 -15.60 1.54 5.06
C PRO A 182 -14.67 1.14 6.19
N VAL A 183 -13.43 0.71 5.86
CA VAL A 183 -12.47 0.36 6.88
C VAL A 183 -12.03 1.59 7.65
N LEU A 184 -11.76 2.67 6.93
CA LEU A 184 -11.36 3.92 7.60
C LEU A 184 -12.46 4.41 8.52
N GLU A 185 -13.70 4.37 8.07
CA GLU A 185 -14.82 4.79 8.91
C GLU A 185 -14.99 3.87 10.11
N TYR A 186 -14.71 2.58 9.93
CA TYR A 186 -14.75 1.62 11.03
C TYR A 186 -13.74 2.00 12.11
N TYR A 187 -12.50 2.29 11.70
CA TYR A 187 -11.49 2.64 12.67
C TYR A 187 -11.71 4.04 13.23
N GLN A 188 -12.27 4.96 12.45
CA GLN A 188 -12.59 6.28 12.99
C GLN A 188 -13.55 6.13 14.15
N LYS A 189 -14.58 5.32 13.98
CA LYS A 189 -15.58 5.10 15.03
C LYS A 189 -14.94 4.51 16.27
N LYS A 190 -14.01 3.59 16.09
CA LYS A 190 -13.29 3.02 17.21
C LYS A 190 -12.33 4.00 17.88
N GLY A 191 -12.15 5.20 17.31
CA GLY A 191 -11.29 6.20 17.93
C GLY A 191 -9.81 5.98 17.80
N VAL A 192 -9.36 5.14 16.85
CA VAL A 192 -7.95 4.82 16.74
C VAL A 192 -7.30 5.41 15.51
N LEU A 193 -8.06 6.13 14.68
CA LEU A 193 -7.53 6.67 13.43
C LEU A 193 -6.75 7.95 13.66
N GLU A 194 -5.55 7.98 13.08
CA GLU A 194 -4.75 9.18 12.99
C GLU A 194 -4.53 9.50 11.52
N THR A 195 -4.94 10.68 11.12
CA THR A 195 -4.94 11.07 9.72
C THR A 195 -3.82 12.08 9.49
N PHE A 196 -3.02 11.83 8.45
CA PHE A 196 -1.98 12.75 7.99
C PHE A 196 -2.30 13.17 6.56
N SER A 197 -2.54 14.45 6.37
CA SER A 197 -2.92 14.98 5.08
C SER A 197 -1.79 15.79 4.46
N GLY A 198 -1.66 15.70 3.15
CA GLY A 198 -0.64 16.48 2.47
C GLY A 198 -0.54 16.03 1.03
N THR A 199 0.37 16.67 0.30
CA THR A 199 0.55 16.34 -1.09
C THR A 199 1.96 15.86 -1.43
N GLU A 200 2.90 15.92 -0.49
CA GLU A 200 4.26 15.48 -0.73
C GLU A 200 4.69 14.53 0.38
N THR A 201 5.17 13.36 0.01
CA THR A 201 5.57 12.38 1.02
C THR A 201 6.56 12.98 2.01
N ASN A 202 7.52 13.77 1.52
CA ASN A 202 8.55 14.26 2.44
C ASN A 202 8.02 15.29 3.43
N LYS A 203 6.89 15.92 3.13
CA LYS A 203 6.27 16.87 4.03
C LYS A 203 5.34 16.19 5.02
N ILE A 204 4.89 14.99 4.71
CA ILE A 204 4.03 14.21 5.60
C ILE A 204 4.85 13.41 6.61
N TRP A 205 5.97 12.83 6.16
CA TRP A 205 6.77 11.92 6.98
C TRP A 205 7.14 12.50 8.33
N PRO A 206 7.61 13.75 8.47
CA PRO A 206 7.98 14.21 9.82
C PRO A 206 6.85 14.09 10.83
N TYR A 207 5.63 14.33 10.39
CA TYR A 207 4.49 14.27 11.30
C TYR A 207 4.18 12.83 11.66
N VAL A 208 4.26 11.93 10.70
CA VAL A 208 4.08 10.51 11.04
C VAL A 208 5.17 10.07 12.02
N TYR A 209 6.40 10.46 11.72
CA TYR A 209 7.55 10.12 12.58
C TYR A 209 7.32 10.62 14.03
N ALA A 210 6.96 11.89 14.19
CA ALA A 210 6.74 12.44 15.53
C ALA A 210 5.61 11.71 16.24
N PHE A 211 4.56 11.38 15.50
CA PHE A 211 3.44 10.68 16.12
C PHE A 211 3.86 9.31 16.65
N LEU A 212 4.65 8.55 15.88
CA LEU A 212 5.06 7.24 16.31
C LEU A 212 6.13 7.28 17.38
N GLN A 213 6.90 8.36 17.47
CA GLN A 213 7.87 8.52 18.53
C GLN A 213 7.21 8.36 19.90
N THR A 214 5.93 8.71 20.03
CA THR A 214 5.23 8.59 21.30
C THR A 214 4.73 7.18 21.59
N LYS A 215 4.93 6.22 20.68
CA LYS A 215 4.24 4.93 20.74
C LYS A 215 5.12 3.70 20.63
N VAL A 216 6.35 3.82 20.13
CA VAL A 216 7.20 2.66 19.90
C VAL A 216 8.65 3.11 19.89
N PRO A 217 9.57 2.30 20.43
CA PRO A 217 10.98 2.71 20.48
C PRO A 217 11.65 2.79 19.12
N GLN A 218 12.70 3.59 19.05
CA GLN A 218 13.43 3.71 17.80
C GLN A 218 14.46 2.60 17.66
N ARG A 219 14.94 2.43 16.44
CA ARG A 219 15.69 1.26 15.97
C ARG A 219 17.19 1.50 16.05
PG ATP B . -3.06 -3.21 -5.02
PG ATP B . 0.17 -0.61 -2.99
O1G ATP B . -3.18 -1.84 -5.62
O1G ATP B . -1.18 -0.10 -3.47
O2G ATP B . -4.19 -4.14 -5.42
O2G ATP B . 0.59 -0.08 -1.64
O3G ATP B . -2.72 -3.19 -3.55
O3G ATP B . 1.27 -0.54 -4.02
PB ATP B . -0.27 -3.89 -5.25
PB ATP B . -0.66 -3.12 -3.91
O1B ATP B . 0.56 -4.30 -6.43
O1B ATP B . -2.09 -2.74 -4.16
O2B ATP B . 0.03 -2.60 -4.50
O2B ATP B . 0.33 -3.05 -5.06
O3B ATP B . -1.79 -3.85 -5.79
O3B ATP B . -0.08 -2.17 -2.74
PA ATP B . 0.46 -5.75 -3.11
PA ATP B . 0.36 -5.76 -3.75
O1A ATP B . 0.25 -5.15 -1.74
O1A ATP B . 1.45 -5.97 -2.73
O2A ATP B . 1.84 -5.94 -3.72
O2A ATP B . 0.73 -5.44 -5.19
O3A ATP B . -0.53 -5.08 -4.19
O3A ATP B . -0.61 -4.58 -3.23
O5' ATP B . -0.28 -7.18 -3.15
O5' ATP B . -0.65 -7.01 -3.75
C5' ATP B . -0.32 -7.89 -4.38
C5' ATP B . -0.67 -7.97 -4.80
C4' ATP B . -1.74 -8.34 -4.61
C4' ATP B . -2.11 -8.36 -5.13
O4' ATP B . -2.10 -9.20 -3.51
O4' ATP B . -2.69 -9.07 -4.03
C3' ATP B . -2.82 -7.26 -4.62
C3' ATP B . -3.00 -7.17 -5.43
O3' ATP B . -2.98 -6.57 -5.86
O3' ATP B . -3.31 -7.13 -6.83
C2' ATP B . -4.07 -8.04 -4.25
C2' ATP B . -4.26 -7.38 -4.60
O2' ATP B . -4.71 -8.71 -5.35
O2' ATP B . -5.38 -7.64 -5.46
C1' ATP B . -3.51 -9.07 -3.31
C1' ATP B . -3.99 -8.59 -3.73
N9 ATP B . -3.68 -8.63 -1.92
N9 ATP B . -4.04 -8.28 -2.27
C8 ATP B . -2.71 -8.10 -1.13
C8 ATP B . -3.05 -7.70 -1.56
N7 ATP B . -3.21 -7.82 0.12
N7 ATP B . -3.41 -7.57 -0.25
C5 ATP B . -4.51 -8.21 0.09
C5 ATP B . -4.65 -8.08 -0.13
C6 ATP B . -5.62 -8.21 1.05
C6 ATP B . -5.61 -8.27 0.97
N6 ATP B . -5.38 -7.73 2.30
N6 ATP B . -5.29 -7.86 2.22
N1 ATP B . -6.82 -8.70 0.65
N1 ATP B . -6.80 -8.86 0.69
C2 ATP B . -7.02 -9.17 -0.59
C2 ATP B . -7.10 -9.27 -0.56
N3 ATP B . -6.05 -9.19 -1.52
N3 ATP B . -6.26 -9.12 -1.61
C4 ATP B . -4.81 -8.73 -1.24
C4 ATP B . -5.06 -8.55 -1.46
MG MG C . -1.07 -2.52 -2.43
MG MG D . 16.01 12.78 -19.49
NA NA E . 7.31 -4.72 0.29
CL CL F . 10.82 -5.87 16.37
CL CL G . 2.52 4.35 -2.35
CL CL H . 8.43 6.27 -13.54
NA NA I . 8.09 -7.13 4.20
#